data_1TMU
#
_entry.id   1TMU
#
_cell.length_a   80.900
_cell.length_b   107.500
_cell.length_c   45.900
_cell.angle_alpha   90.00
_cell.angle_beta   90.00
_cell.angle_gamma   90.00
#
_symmetry.space_group_name_H-M   'P 21 21 2'
#
loop_
_entity.id
_entity.type
_entity.pdbx_description
1 polymer 'Thrombin light chain'
2 polymer 'Thrombin heavy chain'
3 polymer 'Hirudin variant-2'
4 non-polymer D-phenylalanyl-N-[(2S,3S)-6-{[amino(iminio)methyl]amino}-1-chloro-2-hydroxyhexan-3-yl]-L-prolinamide
5 non-polymer 2-acetamido-2-deoxy-beta-D-glucopyranose
6 water water
#
loop_
_entity_poly.entity_id
_entity_poly.type
_entity_poly.pdbx_seq_one_letter_code
_entity_poly.pdbx_strand_id
1 'polypeptide(L)' EADCGLRPLFEKKSLEDKTERELLESYI L
2 'polypeptide(L)'
;IVEGSDAEIGMSPWQVMLFRKSPQELLCGASLISDRWVLTAAHCLLYPPWDKNFTENDLLVRIGKHSRTRYERNIEKISM
LEKIYIHPRYNWRENLDRDIALMKLKKPVAFSDYIHPVCLPDRETAASLLQAGYKGRVTGWGNLKETWTANVGKGQPSVL
QVVNLPIVERPVCKDSTRIRITDNMFCAGYKPDEGKRGDACEGDSGGPFVMKSPFNNRWYQMGIVSWGEGCDRDGKYGFY
THVFRLKKWIQKVIDQFGE
;
H
3 'polypeptide(L)' DFEEIPEE(TYS)LQ J
#
# COMPACT_ATOMS: atom_id res chain seq x y z
N GLU A 1 15.02 -6.27 -6.57
CA GLU A 1 16.17 -6.61 -5.77
C GLU A 1 16.24 -8.14 -5.53
N ALA A 2 17.46 -8.67 -5.49
CA ALA A 2 17.76 -10.09 -5.30
C ALA A 2 17.20 -10.73 -4.04
N ASP A 3 17.11 -9.92 -2.98
CA ASP A 3 16.64 -10.33 -1.67
C ASP A 3 15.24 -9.83 -1.33
N CYS A 4 14.58 -9.33 -2.33
CA CYS A 4 13.26 -8.83 -2.17
C CYS A 4 12.33 -9.85 -1.57
N GLY A 5 11.44 -9.34 -0.77
CA GLY A 5 10.42 -10.17 -0.24
C GLY A 5 10.75 -11.12 0.82
N LEU A 6 11.94 -11.12 1.31
CA LEU A 6 12.23 -12.01 2.39
C LEU A 6 12.34 -11.13 3.57
N ARG A 7 11.55 -11.30 4.60
CA ARG A 7 11.66 -10.38 5.73
C ARG A 7 12.72 -10.73 6.76
N PRO A 8 13.58 -9.78 7.18
CA PRO A 8 14.60 -10.15 8.18
C PRO A 8 14.15 -10.83 9.42
N LEU A 9 13.04 -10.40 9.92
CA LEU A 9 12.59 -10.97 11.13
C LEU A 9 11.63 -12.11 10.89
N PHE A 10 11.25 -12.46 9.67
CA PHE A 10 10.33 -13.55 9.68
C PHE A 10 10.97 -14.65 8.94
N GLU A 11 10.97 -14.50 7.62
CA GLU A 11 11.55 -15.45 6.70
C GLU A 11 13.00 -15.78 6.98
N LYS A 12 13.82 -14.76 6.94
CA LYS A 12 15.19 -14.97 7.18
C LYS A 12 15.53 -15.66 8.45
N LYS A 13 14.57 -15.95 9.31
CA LYS A 13 14.82 -16.61 10.59
C LYS A 13 13.89 -17.77 10.88
N SER A 14 13.21 -18.17 9.84
CA SER A 14 12.25 -19.21 9.93
C SER A 14 11.20 -19.02 10.99
N LEU A 15 10.67 -17.79 11.00
CA LEU A 15 9.61 -17.35 11.89
C LEU A 15 8.35 -16.96 11.10
N GLU A 16 7.22 -17.21 11.72
CA GLU A 16 5.92 -16.99 11.15
C GLU A 16 5.05 -15.89 11.81
N ASP A 17 4.29 -15.16 11.01
CA ASP A 17 3.45 -14.10 11.56
C ASP A 17 2.15 -14.57 12.13
N LYS A 18 1.54 -13.75 12.97
CA LYS A 18 0.33 -14.16 13.57
C LYS A 18 -0.73 -14.47 12.54
N THR A 19 -0.57 -14.01 11.31
CA THR A 19 -1.62 -14.32 10.38
C THR A 19 -1.30 -14.81 9.02
N GLU A 20 -0.08 -15.11 8.70
CA GLU A 20 0.17 -15.56 7.36
C GLU A 20 -0.32 -16.93 6.93
N ARG A 21 -0.60 -17.80 7.86
CA ARG A 21 -1.05 -19.07 7.44
C ARG A 21 -2.38 -18.91 6.76
N GLU A 22 -3.16 -17.96 7.23
CA GLU A 22 -4.45 -17.81 6.60
C GLU A 22 -4.37 -17.43 5.14
N LEU A 23 -3.22 -16.85 4.81
CA LEU A 23 -2.96 -16.48 3.44
C LEU A 23 -2.76 -17.78 2.67
N LEU A 24 -1.78 -18.61 3.09
CA LEU A 24 -1.49 -19.89 2.45
C LEU A 24 -2.67 -20.81 2.38
N GLU A 25 -3.49 -20.86 3.38
CA GLU A 25 -4.61 -21.75 3.30
C GLU A 25 -5.61 -21.33 2.28
N SER A 26 -5.55 -20.13 1.78
CA SER A 26 -6.53 -19.77 0.83
C SER A 26 -5.99 -20.21 -0.47
N TYR A 27 -4.71 -20.51 -0.53
CA TYR A 27 -4.19 -20.95 -1.81
C TYR A 27 -4.61 -22.40 -2.09
N ILE A 28 -5.14 -23.04 -1.06
CA ILE A 28 -5.59 -24.42 -1.08
C ILE A 28 -7.13 -24.54 -1.03
N ILE B 1 -7.33 1.40 7.65
CA ILE B 1 -7.70 -0.01 7.56
C ILE B 1 -8.84 -0.25 8.50
N VAL B 2 -9.98 -0.60 7.97
CA VAL B 2 -11.15 -0.86 8.75
C VAL B 2 -11.20 -2.34 9.15
N GLU B 3 -11.37 -2.60 10.41
CA GLU B 3 -11.44 -3.96 10.89
C GLU B 3 -10.19 -4.80 10.77
N GLY B 4 -9.01 -4.19 10.91
CA GLY B 4 -7.75 -4.94 10.85
C GLY B 4 -7.23 -5.15 12.27
N SER B 5 -5.93 -5.37 12.44
CA SER B 5 -5.32 -5.57 13.76
C SER B 5 -3.98 -4.84 13.78
N ASP B 6 -3.33 -4.69 14.90
CA ASP B 6 -2.09 -4.00 14.83
C ASP B 6 -1.10 -4.78 14.14
N ALA B 7 -0.26 -4.18 13.41
CA ALA B 7 0.68 -5.07 12.81
C ALA B 7 1.75 -5.44 13.83
N GLU B 8 2.52 -6.46 13.56
CA GLU B 8 3.58 -6.83 14.47
C GLU B 8 4.81 -6.14 13.95
N ILE B 9 5.88 -6.08 14.71
CA ILE B 9 7.12 -5.41 14.31
C ILE B 9 7.86 -6.06 13.16
N GLY B 10 8.22 -5.30 12.13
CA GLY B 10 8.96 -5.84 11.01
C GLY B 10 8.15 -6.76 10.14
N MET B 11 6.83 -6.74 10.28
CA MET B 11 5.97 -7.59 9.47
C MET B 11 5.85 -7.18 7.96
N SER B 12 6.08 -5.86 7.74
CA SER B 12 6.01 -5.13 6.46
C SER B 12 7.05 -4.10 6.40
N PRO B 13 8.24 -4.57 6.22
CA PRO B 13 9.38 -3.75 6.14
C PRO B 13 9.37 -2.92 4.86
N TRP B 14 8.50 -3.19 3.92
CA TRP B 14 8.48 -2.40 2.72
C TRP B 14 7.50 -1.26 2.79
N GLN B 15 6.67 -1.22 3.85
CA GLN B 15 5.71 -0.15 4.09
C GLN B 15 6.49 1.20 4.29
N VAL B 16 6.10 2.23 3.57
CA VAL B 16 6.72 3.54 3.64
C VAL B 16 5.61 4.51 3.97
N MET B 17 5.92 5.63 4.60
CA MET B 17 4.91 6.63 4.93
C MET B 17 5.18 7.90 4.11
N LEU B 18 4.18 8.37 3.39
CA LEU B 18 4.21 9.61 2.61
C LEU B 18 3.81 10.70 3.62
N PHE B 19 4.71 11.62 4.00
CA PHE B 19 4.44 12.64 5.02
C PHE B 19 4.68 14.01 4.50
N ARG B 20 3.81 14.91 4.87
CA ARG B 20 3.91 16.28 4.47
C ARG B 20 4.81 17.11 5.31
N LYS B 21 5.68 17.89 4.72
CA LYS B 21 6.48 18.73 5.56
C LYS B 21 5.56 19.78 6.20
N SER B 22 4.66 20.44 5.43
CA SER B 22 3.76 21.42 6.09
C SER B 22 2.45 21.58 5.46
N PRO B 23 1.43 21.51 6.23
CA PRO B 23 1.38 21.19 7.63
C PRO B 23 1.69 19.71 7.78
N GLN B 24 2.24 19.27 8.94
CA GLN B 24 2.58 17.86 9.21
C GLN B 24 1.39 16.97 9.09
N GLU B 25 1.41 16.13 8.10
CA GLU B 25 0.26 15.31 7.96
C GLU B 25 0.67 14.07 7.19
N LEU B 26 -0.03 12.95 7.44
CA LEU B 26 0.21 11.68 6.77
C LEU B 26 -0.50 11.86 5.49
N LEU B 27 0.14 11.69 4.42
CA LEU B 27 -0.62 11.87 3.25
C LEU B 27 -1.19 10.54 2.76
N CYS B 28 -0.32 9.55 2.71
CA CYS B 28 -0.66 8.25 2.21
C CYS B 28 0.44 7.31 2.60
N GLY B 29 0.23 6.09 2.10
CA GLY B 29 1.09 4.95 2.21
C GLY B 29 1.89 4.76 0.91
N ALA B 30 2.98 4.00 1.02
CA ALA B 30 3.81 3.71 -0.13
C ALA B 30 4.49 2.36 0.09
N SER B 31 5.29 1.95 -0.85
CA SER B 31 5.98 0.70 -0.80
C SER B 31 7.42 0.88 -1.24
N LEU B 32 8.40 0.20 -0.60
CA LEU B 32 9.83 0.28 -0.92
C LEU B 32 10.14 -0.85 -1.90
N ILE B 33 10.41 -0.51 -3.12
CA ILE B 33 10.69 -1.54 -4.05
C ILE B 33 12.13 -1.72 -4.35
N SER B 34 12.96 -0.97 -3.72
CA SER B 34 14.33 -1.11 -4.04
C SER B 34 14.93 -0.09 -3.18
N ASP B 35 16.20 0.15 -3.28
CA ASP B 35 16.76 1.12 -2.39
C ASP B 35 16.69 2.60 -2.74
N ARG B 36 16.28 2.98 -3.93
CA ARG B 36 16.20 4.38 -4.30
C ARG B 36 14.82 4.73 -4.87
N TRP B 37 13.89 3.77 -4.84
CA TRP B 37 12.55 3.90 -5.38
C TRP B 37 11.43 3.42 -4.49
N VAL B 38 10.37 4.19 -4.50
CA VAL B 38 9.20 3.89 -3.73
C VAL B 38 8.01 3.83 -4.67
N LEU B 39 7.02 3.01 -4.39
CA LEU B 39 5.88 2.97 -5.31
C LEU B 39 4.71 3.49 -4.51
N THR B 40 3.77 4.13 -5.17
CA THR B 40 2.64 4.66 -4.49
C THR B 40 1.55 4.92 -5.52
N ALA B 41 0.41 5.51 -5.13
CA ALA B 41 -0.74 5.85 -5.99
C ALA B 41 -0.62 7.31 -6.48
N ALA B 42 -0.91 7.61 -7.70
CA ALA B 42 -0.75 8.98 -8.18
C ALA B 42 -1.62 9.97 -7.50
N HIS B 43 -2.78 9.50 -7.21
CA HIS B 43 -3.69 10.38 -6.57
C HIS B 43 -3.25 10.91 -5.26
N CYS B 44 -2.14 10.42 -4.71
CA CYS B 44 -1.59 10.89 -3.46
C CYS B 44 -0.83 12.18 -3.78
N LEU B 45 -0.34 12.28 -5.03
CA LEU B 45 0.43 13.39 -5.55
C LEU B 45 -0.34 14.35 -6.37
N LEU B 46 -1.28 13.84 -7.13
CA LEU B 46 -2.00 14.70 -8.00
C LEU B 46 -3.43 14.31 -8.14
N TYR B 47 -4.30 15.17 -7.63
CA TYR B 47 -5.75 15.02 -7.69
C TYR B 47 -6.36 16.43 -7.76
N PRO B 48 -6.57 16.97 -8.97
CA PRO B 48 -7.08 18.33 -9.09
C PRO B 48 -8.38 18.67 -8.41
N PRO B 49 -9.33 17.74 -8.45
CA PRO B 49 -10.61 18.02 -7.84
C PRO B 49 -10.59 18.41 -6.40
N TRP B 50 -9.47 18.09 -5.77
CA TRP B 50 -9.27 18.36 -4.37
C TRP B 50 -8.13 19.20 -4.18
N ASP B 51 -7.64 19.66 -5.27
CA ASP B 51 -6.56 20.51 -5.15
C ASP B 51 -5.26 20.01 -4.78
N LYS B 52 -4.89 18.80 -5.16
CA LYS B 52 -3.58 18.33 -4.85
C LYS B 52 -2.73 18.28 -6.11
N ASN B 53 -1.52 18.79 -5.99
CA ASN B 53 -0.52 18.85 -7.03
C ASN B 53 0.79 19.08 -6.26
N PHE B 54 1.35 18.06 -5.64
CA PHE B 54 2.58 18.24 -4.85
C PHE B 54 3.87 18.13 -5.62
N THR B 55 4.94 18.81 -5.16
CA THR B 55 6.29 18.83 -5.72
C THR B 55 7.13 17.94 -4.88
N GLU B 56 8.29 17.66 -5.38
CA GLU B 56 9.19 16.86 -4.67
C GLU B 56 9.47 17.50 -3.35
N ASN B 57 9.63 18.78 -3.33
CA ASN B 57 9.96 19.42 -2.08
C ASN B 57 8.92 19.55 -0.99
N ASP B 58 7.71 19.07 -1.16
CA ASP B 58 6.69 19.23 -0.13
C ASP B 58 6.50 18.04 0.78
N LEU B 59 7.12 16.91 0.43
CA LEU B 59 7.06 15.63 1.10
C LEU B 59 8.43 15.10 1.48
N LEU B 60 8.25 14.14 2.36
CA LEU B 60 9.20 13.29 3.00
C LEU B 60 8.60 11.90 2.93
N VAL B 61 9.47 10.94 2.97
CA VAL B 61 9.11 9.57 2.94
C VAL B 61 9.76 9.04 4.21
N ARG B 62 9.00 8.33 5.08
CA ARG B 62 9.51 7.74 6.34
C ARG B 62 9.48 6.20 6.24
N ILE B 63 10.60 5.50 6.28
CA ILE B 63 10.50 4.05 6.15
C ILE B 63 10.89 3.37 7.42
N GLY B 64 10.36 2.21 7.75
CA GLY B 64 10.79 1.59 8.99
C GLY B 64 9.86 1.89 10.17
N LYS B 65 8.72 2.58 9.97
CA LYS B 65 7.91 2.83 11.15
C LYS B 65 6.86 1.83 11.57
N HIS B 66 6.43 2.02 12.82
CA HIS B 66 5.43 1.23 13.45
C HIS B 66 4.50 2.26 14.03
N SER B 67 5.05 3.20 14.77
CA SER B 67 4.12 4.19 15.28
C SER B 67 3.63 5.11 14.17
N ARG B 68 2.42 5.60 14.29
CA ARG B 68 1.85 6.52 13.31
C ARG B 68 2.33 7.93 13.53
N THR B 69 2.37 8.28 14.76
CA THR B 69 2.67 9.60 15.12
C THR B 69 4.02 9.99 15.71
N ARG B 70 4.70 9.00 16.25
CA ARG B 70 5.98 9.22 16.84
C ARG B 70 7.11 9.17 15.90
N TYR B 71 8.14 9.85 16.34
CA TYR B 71 9.39 9.92 15.66
C TYR B 71 10.24 8.81 16.22
N GLU B 72 10.28 7.73 15.49
CA GLU B 72 11.00 6.53 15.85
C GLU B 72 12.47 6.60 15.65
N ARG B 73 13.02 7.38 16.56
CA ARG B 73 14.41 7.68 16.68
C ARG B 73 15.19 6.40 16.69
N ASN B 74 16.06 6.30 15.72
CA ASN B 74 16.93 5.16 15.57
C ASN B 74 16.27 3.92 14.96
N ILE B 75 15.02 4.04 14.60
CA ILE B 75 14.34 2.94 13.98
C ILE B 75 13.98 3.29 12.53
N GLU B 76 13.25 4.40 12.37
CA GLU B 76 12.89 4.81 11.05
C GLU B 76 13.96 5.64 10.40
N LYS B 77 13.83 5.76 9.11
CA LYS B 77 14.70 6.52 8.29
C LYS B 77 13.80 7.35 7.39
N ILE B 78 14.08 8.66 7.44
CA ILE B 78 13.40 9.77 6.74
C ILE B 78 14.11 10.13 5.46
N SER B 79 13.46 10.08 4.31
CA SER B 79 14.16 10.40 3.09
C SER B 79 13.51 11.49 2.27
N MET B 80 14.33 12.18 1.49
CA MET B 80 13.88 13.25 0.65
C MET B 80 13.69 12.75 -0.75
N LEU B 81 12.80 13.35 -1.47
CA LEU B 81 12.63 12.87 -2.81
C LEU B 81 13.49 13.63 -3.79
N GLU B 82 13.98 12.92 -4.80
CA GLU B 82 14.75 13.46 -5.87
C GLU B 82 13.77 13.76 -6.98
N LYS B 83 12.87 12.85 -7.32
CA LYS B 83 11.97 13.17 -8.41
C LYS B 83 10.72 12.33 -8.35
N ILE B 84 9.59 12.80 -8.88
CA ILE B 84 8.37 11.99 -8.86
C ILE B 84 7.93 11.61 -10.29
N TYR B 85 7.46 10.39 -10.60
CA TYR B 85 7.05 10.03 -11.96
C TYR B 85 5.65 9.46 -11.88
N ILE B 86 4.67 10.12 -12.51
CA ILE B 86 3.27 9.75 -12.53
C ILE B 86 3.07 9.09 -13.87
N HIS B 87 2.26 8.06 -13.93
CA HIS B 87 2.10 7.46 -15.19
C HIS B 87 1.50 8.55 -16.03
N PRO B 88 1.97 8.69 -17.21
CA PRO B 88 1.49 9.71 -18.10
C PRO B 88 -0.01 9.54 -18.44
N ARG B 89 -0.54 8.32 -18.43
CA ARG B 89 -1.95 8.09 -18.74
C ARG B 89 -2.85 7.92 -17.48
N TYR B 90 -2.41 8.46 -16.36
CA TYR B 90 -3.16 8.39 -15.13
C TYR B 90 -4.40 9.27 -15.35
N ASN B 91 -5.58 8.76 -15.12
CA ASN B 91 -6.83 9.47 -15.32
C ASN B 91 -7.54 9.90 -14.07
N TRP B 92 -7.27 11.09 -13.57
CA TRP B 92 -7.94 11.50 -12.37
C TRP B 92 -9.30 11.99 -12.64
N ARG B 93 -9.58 12.06 -13.90
CA ARG B 93 -10.83 12.60 -14.26
C ARG B 93 -12.06 11.82 -14.10
N GLU B 94 -11.92 10.52 -14.23
CA GLU B 94 -13.07 9.68 -14.19
C GLU B 94 -13.05 8.50 -13.28
N ASN B 95 -12.04 7.67 -13.40
CA ASN B 95 -12.06 6.49 -12.58
C ASN B 95 -10.76 6.14 -11.97
N LEU B 96 -9.85 7.05 -12.08
CA LEU B 96 -8.62 6.78 -11.47
C LEU B 96 -7.87 5.74 -12.21
N ASP B 97 -8.13 5.57 -13.45
CA ASP B 97 -7.35 4.56 -14.10
C ASP B 97 -5.85 4.96 -14.09
N ARG B 98 -5.02 3.91 -13.99
CA ARG B 98 -3.58 4.02 -13.94
C ARG B 98 -3.11 4.83 -12.79
N ASP B 99 -3.61 4.52 -11.60
CA ASP B 99 -3.25 5.23 -10.39
C ASP B 99 -2.02 4.62 -9.72
N ILE B 100 -0.84 4.95 -10.26
CA ILE B 100 0.45 4.44 -9.83
C ILE B 100 1.49 5.55 -9.98
N ALA B 101 2.57 5.55 -9.23
CA ALA B 101 3.56 6.61 -9.37
C ALA B 101 4.76 6.13 -8.60
N LEU B 102 5.93 6.45 -9.13
CA LEU B 102 7.21 6.14 -8.60
C LEU B 102 7.80 7.44 -8.11
N MET B 103 8.66 7.30 -7.13
CA MET B 103 9.38 8.38 -6.48
C MET B 103 10.81 7.93 -6.39
N LYS B 104 11.74 8.82 -6.63
CA LYS B 104 13.12 8.46 -6.57
C LYS B 104 13.74 9.25 -5.40
N LEU B 105 14.27 8.51 -4.45
CA LEU B 105 14.89 9.10 -3.29
C LEU B 105 16.12 9.88 -3.66
N LYS B 106 16.51 10.76 -2.82
CA LYS B 106 17.67 11.50 -3.14
C LYS B 106 18.87 10.59 -2.94
N LYS B 107 18.84 9.84 -1.88
CA LYS B 107 19.92 8.96 -1.56
C LYS B 107 19.33 7.62 -1.17
N PRO B 108 20.01 6.54 -1.52
CA PRO B 108 19.61 5.15 -1.25
C PRO B 108 19.34 4.86 0.21
N VAL B 109 18.30 4.11 0.52
CA VAL B 109 18.07 3.87 1.92
C VAL B 109 18.83 2.61 2.35
N ALA B 110 19.33 2.53 3.58
CA ALA B 110 20.03 1.34 4.00
C ALA B 110 19.04 0.40 4.62
N PHE B 111 19.05 -0.86 4.20
CA PHE B 111 18.15 -1.85 4.73
C PHE B 111 18.47 -2.24 6.17
N SER B 112 17.47 -2.72 6.90
CA SER B 112 17.61 -3.16 8.28
C SER B 112 16.53 -4.16 8.51
N ASP B 113 16.36 -4.45 9.76
CA ASP B 113 15.37 -5.38 10.18
C ASP B 113 13.98 -4.84 9.99
N TYR B 114 13.89 -3.50 9.81
CA TYR B 114 12.65 -2.75 9.62
C TYR B 114 12.47 -2.23 8.24
N ILE B 115 13.52 -2.20 7.44
CA ILE B 115 13.43 -1.68 6.09
C ILE B 115 13.91 -2.74 5.14
N HIS B 116 13.07 -3.15 4.23
CA HIS B 116 13.43 -4.19 3.29
C HIS B 116 12.38 -4.13 2.18
N PRO B 117 12.80 -4.19 0.92
CA PRO B 117 11.88 -4.05 -0.22
C PRO B 117 10.95 -5.21 -0.45
N VAL B 118 10.02 -5.14 -1.38
CA VAL B 118 9.12 -6.25 -1.66
C VAL B 118 9.35 -6.56 -3.12
N CYS B 119 9.05 -7.76 -3.57
CA CYS B 119 9.26 -8.07 -4.97
C CYS B 119 8.06 -7.65 -5.77
N LEU B 120 8.23 -7.50 -7.06
CA LEU B 120 7.16 -7.15 -7.93
C LEU B 120 6.81 -8.38 -8.70
N PRO B 121 5.60 -8.68 -8.83
CA PRO B 121 5.29 -9.90 -9.56
C PRO B 121 5.73 -10.13 -11.02
N ASP B 122 6.05 -11.34 -11.38
CA ASP B 122 6.38 -11.61 -12.76
C ASP B 122 5.16 -12.36 -13.32
N ARG B 123 5.09 -12.67 -14.64
CA ARG B 123 3.97 -13.38 -15.33
C ARG B 123 3.46 -14.59 -14.61
N GLU B 124 4.43 -15.42 -14.28
CA GLU B 124 4.17 -16.65 -13.59
C GLU B 124 3.64 -16.45 -12.15
N THR B 125 4.12 -15.45 -11.39
CA THR B 125 3.59 -15.28 -10.03
C THR B 125 2.19 -14.75 -10.12
N ALA B 126 2.13 -13.79 -11.00
CA ALA B 126 0.93 -13.10 -11.30
C ALA B 126 -0.13 -14.06 -11.69
N ALA B 127 0.14 -14.94 -12.62
CA ALA B 127 -0.94 -15.86 -12.95
C ALA B 127 -1.18 -16.89 -11.89
N SER B 128 -0.18 -17.29 -11.16
CA SER B 128 -0.47 -18.29 -10.16
C SER B 128 -1.32 -17.77 -9.02
N LEU B 129 -0.99 -16.54 -8.52
CA LEU B 129 -1.64 -15.92 -7.36
C LEU B 129 -2.81 -14.98 -7.54
N LEU B 130 -2.88 -14.21 -8.61
CA LEU B 130 -4.03 -13.34 -8.63
C LEU B 130 -5.20 -14.13 -9.12
N GLN B 131 -5.89 -14.80 -8.23
CA GLN B 131 -7.03 -15.59 -8.58
C GLN B 131 -8.03 -15.36 -7.51
N ALA B 132 -9.28 -15.43 -7.89
CA ALA B 132 -10.38 -15.20 -6.99
C ALA B 132 -10.39 -16.09 -5.79
N GLY B 133 -10.74 -15.56 -4.65
CA GLY B 133 -10.73 -16.40 -3.48
C GLY B 133 -9.37 -16.35 -2.77
N TYR B 134 -8.26 -16.10 -3.50
CA TYR B 134 -6.94 -16.02 -2.85
C TYR B 134 -6.85 -14.70 -2.08
N LYS B 135 -6.24 -14.78 -0.89
CA LYS B 135 -6.07 -13.64 0.01
C LYS B 135 -4.76 -12.92 -0.08
N GLY B 136 -4.81 -11.62 0.08
CA GLY B 136 -3.62 -10.82 0.07
C GLY B 136 -3.72 -9.99 1.34
N ARG B 137 -2.70 -9.20 1.65
CA ARG B 137 -2.68 -8.37 2.83
C ARG B 137 -2.58 -6.87 2.49
N VAL B 138 -3.12 -6.02 3.31
CA VAL B 138 -3.05 -4.61 3.08
C VAL B 138 -2.69 -4.04 4.47
N THR B 139 -1.84 -3.01 4.53
CA THR B 139 -1.32 -2.30 5.67
C THR B 139 -1.46 -0.80 5.39
N GLY B 140 -1.53 -0.05 6.47
CA GLY B 140 -1.64 1.38 6.40
C GLY B 140 -2.06 1.94 7.74
N TRP B 141 -1.83 3.23 7.82
CA TRP B 141 -2.12 4.08 8.99
C TRP B 141 -3.37 4.96 8.78
N GLY B 142 -4.11 4.62 7.70
CA GLY B 142 -5.33 5.27 7.25
C GLY B 142 -6.45 5.18 8.28
N ASN B 143 -7.63 5.71 7.95
CA ASN B 143 -8.67 5.66 8.94
C ASN B 143 -9.20 4.31 9.30
N LEU B 144 -9.64 4.26 10.53
CA LEU B 144 -10.20 3.05 11.02
C LEU B 144 -11.66 2.90 10.74
N LYS B 145 -12.35 3.94 10.37
CA LYS B 145 -13.78 3.83 10.15
C LYS B 145 -14.10 4.78 9.02
N GLU B 146 -15.15 4.53 8.30
CA GLU B 146 -15.44 5.47 7.26
C GLU B 146 -15.89 6.78 7.93
N THR B 147 -15.43 7.96 7.48
CA THR B 147 -15.85 9.22 8.14
C THR B 147 -17.33 9.44 8.21
N TRP B 148 -17.85 9.74 9.39
CA TRP B 148 -19.28 9.95 9.53
C TRP B 148 -19.56 10.78 10.76
N THR B 149 -20.48 11.75 10.70
CA THR B 149 -20.76 12.58 11.85
C THR B 149 -21.08 11.77 13.06
N ALA B 150 -21.87 10.74 12.82
CA ALA B 150 -22.25 9.87 13.89
C ALA B 150 -21.13 8.95 14.41
N ASN B 151 -19.87 9.08 14.02
CA ASN B 151 -18.93 8.16 14.64
C ASN B 151 -18.49 8.67 16.04
N VAL B 152 -18.65 7.85 17.01
CA VAL B 152 -18.20 8.25 18.28
C VAL B 152 -16.86 7.56 18.45
N GLY B 153 -15.74 8.25 18.65
CA GLY B 153 -14.52 7.49 18.80
C GLY B 153 -13.34 7.96 17.93
N LYS B 154 -12.16 7.40 18.27
CA LYS B 154 -10.88 7.59 17.63
C LYS B 154 -11.10 6.92 16.32
N GLY B 155 -10.70 7.62 15.30
CA GLY B 155 -10.84 7.11 13.98
C GLY B 155 -9.46 6.88 13.48
N GLN B 156 -8.49 7.13 14.32
CA GLN B 156 -7.13 6.96 13.90
C GLN B 156 -6.40 5.85 14.60
N PRO B 157 -5.48 5.19 13.90
CA PRO B 157 -4.77 4.08 14.56
C PRO B 157 -3.50 4.51 15.25
N SER B 158 -3.00 3.83 16.25
CA SER B 158 -1.79 4.44 16.71
C SER B 158 -0.58 3.68 16.19
N VAL B 159 -0.78 2.55 15.50
CA VAL B 159 0.35 1.80 15.04
C VAL B 159 -0.12 1.22 13.75
N LEU B 160 0.78 0.84 12.86
CA LEU B 160 0.37 0.30 11.58
C LEU B 160 -0.69 -0.80 11.68
N GLN B 161 -1.68 -0.84 10.79
CA GLN B 161 -2.72 -1.89 10.83
C GLN B 161 -2.57 -2.89 9.70
N VAL B 162 -3.12 -4.10 9.85
CA VAL B 162 -3.04 -5.14 8.84
C VAL B 162 -4.41 -5.71 8.61
N VAL B 163 -4.72 -6.25 7.43
CA VAL B 163 -6.02 -6.86 7.19
C VAL B 163 -5.80 -7.78 5.99
N ASN B 164 -6.29 -9.02 5.99
CA ASN B 164 -6.08 -9.92 4.87
C ASN B 164 -7.34 -9.98 4.11
N LEU B 165 -7.31 -9.95 2.83
CA LEU B 165 -8.62 -9.98 2.23
C LEU B 165 -8.48 -10.79 1.01
N PRO B 166 -9.57 -11.39 0.58
CA PRO B 166 -9.62 -12.21 -0.59
C PRO B 166 -9.84 -11.45 -1.85
N ILE B 167 -9.17 -11.85 -2.88
CA ILE B 167 -9.36 -11.23 -4.14
C ILE B 167 -10.74 -11.72 -4.66
N VAL B 168 -11.51 -10.81 -5.28
CA VAL B 168 -12.83 -11.01 -5.86
C VAL B 168 -12.75 -11.08 -7.42
N GLU B 169 -13.74 -11.73 -8.03
CA GLU B 169 -13.87 -11.94 -9.46
C GLU B 169 -14.27 -10.71 -10.17
N ARG B 170 -13.77 -10.47 -11.36
CA ARG B 170 -14.17 -9.24 -12.01
C ARG B 170 -15.61 -8.95 -12.09
N PRO B 171 -16.38 -9.87 -12.59
CA PRO B 171 -17.79 -9.62 -12.70
C PRO B 171 -18.44 -9.20 -11.39
N VAL B 172 -18.08 -9.78 -10.27
CA VAL B 172 -18.70 -9.31 -9.05
C VAL B 172 -18.22 -7.89 -8.83
N CYS B 173 -16.94 -7.59 -9.07
CA CYS B 173 -16.48 -6.22 -8.87
C CYS B 173 -17.28 -5.23 -9.69
N LYS B 174 -17.27 -5.46 -10.98
CA LYS B 174 -17.94 -4.63 -11.94
C LYS B 174 -19.39 -4.39 -11.71
N ASP B 175 -20.04 -5.28 -11.04
CA ASP B 175 -21.46 -5.08 -10.81
C ASP B 175 -21.83 -4.38 -9.53
N SER B 176 -20.87 -4.25 -8.63
CA SER B 176 -21.02 -3.64 -7.33
C SER B 176 -20.89 -2.12 -7.40
N THR B 177 -20.40 -1.57 -8.49
CA THR B 177 -20.26 -0.13 -8.50
C THR B 177 -20.66 0.41 -9.82
N ARG B 178 -20.82 1.70 -9.90
CA ARG B 178 -21.15 2.22 -11.16
C ARG B 178 -19.97 2.94 -11.79
N ILE B 179 -18.81 3.02 -11.09
CA ILE B 179 -17.60 3.69 -11.64
C ILE B 179 -17.18 2.80 -12.75
N ARG B 180 -16.61 3.30 -13.82
CA ARG B 180 -16.20 2.44 -14.87
C ARG B 180 -14.85 1.84 -14.46
N ILE B 181 -14.75 0.55 -14.50
CA ILE B 181 -13.58 -0.17 -14.12
C ILE B 181 -12.78 -0.54 -15.35
N THR B 182 -11.46 -0.79 -15.20
CA THR B 182 -10.58 -1.13 -16.30
C THR B 182 -9.72 -2.32 -15.89
N ASP B 183 -8.97 -2.93 -16.79
CA ASP B 183 -8.20 -4.07 -16.37
C ASP B 183 -7.01 -3.72 -15.55
N ASN B 184 -6.85 -2.47 -15.27
CA ASN B 184 -5.72 -2.11 -14.51
C ASN B 184 -6.12 -2.06 -13.07
N MET B 185 -7.34 -2.42 -12.77
CA MET B 185 -7.75 -2.39 -11.39
C MET B 185 -8.15 -3.79 -10.93
N PHE B 186 -8.17 -4.10 -9.63
CA PHE B 186 -8.66 -5.39 -9.14
C PHE B 186 -9.47 -5.04 -7.89
N CYS B 187 -10.42 -5.85 -7.45
CA CYS B 187 -11.16 -5.50 -6.25
C CYS B 187 -10.94 -6.67 -5.28
N ALA B 188 -10.91 -6.41 -3.98
CA ALA B 188 -10.69 -7.48 -3.00
C ALA B 188 -11.67 -7.24 -1.85
N GLY B 189 -12.16 -8.26 -1.13
CA GLY B 189 -13.11 -8.01 -0.04
C GLY B 189 -14.02 -9.20 0.14
N TYR B 190 -14.61 -9.30 1.33
CA TYR B 190 -15.51 -10.39 1.63
C TYR B 190 -16.80 -10.14 0.94
N LYS B 191 -17.39 -11.17 0.43
CA LYS B 191 -18.63 -11.04 -0.21
C LYS B 191 -19.71 -10.98 0.80
N PRO B 192 -20.86 -10.55 0.38
CA PRO B 192 -21.99 -10.41 1.27
C PRO B 192 -22.27 -11.63 2.12
N ASP B 193 -22.13 -12.75 1.47
CA ASP B 193 -22.40 -13.96 2.15
C ASP B 193 -21.37 -14.58 3.02
N GLU B 194 -20.22 -13.97 3.12
CA GLU B 194 -19.25 -14.51 3.97
C GLU B 194 -19.39 -13.73 5.26
N GLY B 195 -20.42 -12.88 5.35
CA GLY B 195 -20.70 -12.06 6.52
C GLY B 195 -19.53 -11.54 7.37
N LYS B 196 -18.34 -11.31 6.80
CA LYS B 196 -17.21 -10.80 7.55
C LYS B 196 -16.87 -9.40 7.12
N ARG B 197 -16.07 -8.73 7.90
CA ARG B 197 -15.66 -7.37 7.60
C ARG B 197 -14.19 -7.20 7.37
N GLY B 198 -13.79 -6.00 6.89
CA GLY B 198 -12.38 -5.69 6.66
C GLY B 198 -12.21 -4.81 5.42
N ASP B 199 -11.29 -3.81 5.38
CA ASP B 199 -11.17 -2.99 4.17
C ASP B 199 -10.14 -1.93 4.28
N ALA B 200 -9.80 -1.31 3.17
CA ALA B 200 -8.85 -0.25 3.26
C ALA B 200 -9.75 0.93 3.46
N CYS B 201 -9.23 2.11 3.58
CA CYS B 201 -10.13 3.22 3.78
C CYS B 201 -9.36 4.50 3.48
N GLU B 202 -9.93 5.69 3.68
CA GLU B 202 -9.11 6.86 3.36
C GLU B 202 -7.85 6.91 4.18
N GLY B 203 -6.82 7.42 3.56
CA GLY B 203 -5.54 7.55 4.17
C GLY B 203 -4.69 6.31 3.93
N ASP B 204 -5.22 5.16 3.42
CA ASP B 204 -4.43 3.92 3.16
C ASP B 204 -3.89 3.83 1.70
N SER B 205 -4.36 4.71 0.75
CA SER B 205 -3.95 4.75 -0.68
C SER B 205 -2.42 4.80 -0.76
N GLY B 206 -1.84 4.10 -1.75
CA GLY B 206 -0.40 3.98 -1.96
C GLY B 206 0.18 2.74 -1.28
N GLY B 207 -0.53 2.19 -0.31
CA GLY B 207 -0.06 1.03 0.38
C GLY B 207 -0.13 -0.22 -0.44
N PRO B 208 0.72 -1.12 -0.12
CA PRO B 208 0.74 -2.35 -0.88
C PRO B 208 -0.31 -3.41 -0.54
N PHE B 209 -0.69 -4.19 -1.54
CA PHE B 209 -1.58 -5.35 -1.51
C PHE B 209 -0.53 -6.43 -1.83
N VAL B 210 -0.17 -7.26 -0.88
CA VAL B 210 0.88 -8.24 -1.16
C VAL B 210 0.35 -9.67 -0.97
N MET B 211 1.06 -10.61 -1.55
CA MET B 211 0.66 -11.97 -1.41
C MET B 211 1.92 -12.68 -1.23
N LYS B 212 1.89 -13.81 -0.57
CA LYS B 212 3.09 -14.57 -0.36
C LYS B 212 3.08 -15.75 -1.29
N SER B 213 4.23 -16.05 -1.89
CA SER B 213 4.39 -17.15 -2.82
C SER B 213 4.83 -18.46 -2.21
N PRO B 214 3.97 -19.43 -2.38
CA PRO B 214 4.21 -20.74 -1.88
C PRO B 214 5.33 -21.36 -2.61
N PHE B 215 5.52 -20.85 -3.81
CA PHE B 215 6.53 -21.34 -4.69
C PHE B 215 7.90 -20.88 -4.33
N ASN B 216 7.96 -19.83 -3.59
CA ASN B 216 9.28 -19.45 -3.23
C ASN B 216 9.39 -18.75 -1.91
N ASN B 217 8.35 -18.58 -1.10
CA ASN B 217 8.63 -17.88 0.18
C ASN B 217 8.79 -16.37 0.12
N ARG B 218 8.55 -15.74 -0.99
CA ARG B 218 8.68 -14.31 -1.10
C ARG B 218 7.31 -13.69 -1.19
N TRP B 219 7.22 -12.46 -0.73
CA TRP B 219 6.06 -11.61 -0.75
C TRP B 219 6.24 -10.73 -1.96
N TYR B 220 5.20 -10.67 -2.76
CA TYR B 220 5.15 -9.90 -3.97
C TYR B 220 4.18 -8.80 -3.83
N GLN B 221 4.46 -7.67 -4.41
CA GLN B 221 3.47 -6.62 -4.29
C GLN B 221 2.51 -6.74 -5.45
N MET B 222 1.23 -7.11 -5.18
CA MET B 222 0.15 -7.34 -6.19
C MET B 222 -0.75 -6.17 -6.64
N GLY B 223 -0.93 -5.21 -5.73
CA GLY B 223 -1.78 -4.05 -5.99
C GLY B 223 -1.40 -2.87 -5.10
N ILE B 224 -2.04 -1.68 -5.38
CA ILE B 224 -1.88 -0.41 -4.69
C ILE B 224 -3.23 0.00 -4.30
N VAL B 225 -3.37 0.39 -3.06
CA VAL B 225 -4.68 0.79 -2.67
C VAL B 225 -5.04 2.03 -3.51
N SER B 226 -6.22 2.06 -4.15
CA SER B 226 -6.58 3.18 -4.99
C SER B 226 -7.90 3.84 -4.68
N TRP B 227 -9.00 3.13 -4.68
CA TRP B 227 -10.26 3.77 -4.42
C TRP B 227 -11.29 2.86 -3.88
N GLY B 228 -12.37 3.46 -3.49
CA GLY B 228 -13.47 2.67 -2.97
C GLY B 228 -14.66 3.59 -2.80
N GLU B 229 -15.83 3.17 -2.30
CA GLU B 229 -16.97 4.10 -2.11
C GLU B 229 -17.42 3.80 -0.72
N GLY B 230 -16.86 4.59 0.18
CA GLY B 230 -17.02 4.53 1.62
C GLY B 230 -15.89 3.63 2.08
N CYS B 231 -16.04 3.05 3.25
CA CYS B 231 -15.04 2.10 3.71
C CYS B 231 -15.85 0.99 4.34
N ASP B 232 -15.55 -0.28 4.07
CA ASP B 232 -16.32 -1.40 4.68
C ASP B 232 -17.85 -1.47 4.38
N ARG B 233 -18.35 -0.78 3.37
CA ARG B 233 -19.75 -0.85 3.10
C ARG B 233 -20.36 -2.17 2.70
N ASP B 234 -21.59 -2.40 2.97
CA ASP B 234 -22.10 -3.69 2.55
C ASP B 234 -22.28 -3.77 1.03
N GLY B 235 -21.87 -4.86 0.34
CA GLY B 235 -22.04 -5.02 -1.12
C GLY B 235 -21.03 -4.22 -1.93
N LYS B 236 -19.99 -3.76 -1.26
CA LYS B 236 -18.94 -2.98 -1.84
C LYS B 236 -17.62 -3.69 -1.53
N TYR B 237 -16.58 -3.47 -2.36
CA TYR B 237 -15.22 -4.03 -2.30
C TYR B 237 -14.22 -2.88 -2.56
N GLY B 238 -12.96 -2.95 -2.16
CA GLY B 238 -12.11 -1.82 -2.46
C GLY B 238 -11.30 -2.14 -3.70
N PHE B 239 -10.83 -1.11 -4.45
CA PHE B 239 -10.04 -1.27 -5.67
C PHE B 239 -8.59 -1.01 -5.47
N TYR B 240 -7.80 -1.75 -6.23
CA TYR B 240 -6.39 -1.68 -6.15
C TYR B 240 -5.84 -1.60 -7.53
N THR B 241 -4.75 -0.89 -7.67
CA THR B 241 -4.12 -0.80 -8.94
C THR B 241 -3.46 -2.11 -9.22
N HIS B 242 -3.64 -2.64 -10.43
CA HIS B 242 -3.03 -3.87 -10.82
C HIS B 242 -1.59 -3.61 -11.16
N VAL B 243 -0.68 -3.90 -10.25
CA VAL B 243 0.72 -3.67 -10.53
C VAL B 243 1.29 -4.46 -11.70
N PHE B 244 0.97 -5.74 -11.84
CA PHE B 244 1.54 -6.54 -12.92
C PHE B 244 1.34 -5.90 -14.31
N ARG B 245 0.11 -5.51 -14.51
CA ARG B 245 -0.34 -4.86 -15.70
C ARG B 245 0.49 -3.67 -16.10
N LEU B 246 0.83 -2.88 -15.12
CA LEU B 246 1.62 -1.71 -15.32
C LEU B 246 3.11 -1.93 -15.14
N LYS B 247 3.56 -3.15 -14.92
CA LYS B 247 4.99 -3.41 -14.73
C LYS B 247 5.89 -2.89 -15.85
N LYS B 248 5.38 -2.81 -17.05
CA LYS B 248 6.23 -2.33 -18.08
C LYS B 248 6.63 -0.86 -17.95
N TRP B 249 5.68 -0.02 -17.53
CA TRP B 249 5.91 1.39 -17.31
C TRP B 249 6.98 1.46 -16.21
N ILE B 250 6.67 0.77 -15.10
CA ILE B 250 7.56 0.65 -13.95
C ILE B 250 8.94 0.31 -14.38
N GLN B 251 9.18 -0.72 -15.14
CA GLN B 251 10.57 -1.00 -15.52
C GLN B 251 11.31 0.05 -16.34
N LYS B 252 10.55 0.73 -17.12
CA LYS B 252 11.09 1.70 -17.99
C LYS B 252 11.65 2.97 -17.37
N VAL B 253 10.99 3.47 -16.36
CA VAL B 253 11.38 4.63 -15.61
C VAL B 253 12.56 4.18 -14.80
N ILE B 254 12.41 3.04 -14.18
CA ILE B 254 13.52 2.59 -13.42
C ILE B 254 14.74 2.34 -14.30
N ASP B 255 14.55 2.02 -15.59
CA ASP B 255 15.74 1.81 -16.42
C ASP B 255 16.22 3.09 -17.09
N GLN B 256 15.48 4.14 -17.20
CA GLN B 256 16.11 5.23 -17.87
C GLN B 256 16.86 6.13 -16.88
N PHE B 257 16.25 6.22 -15.66
CA PHE B 257 16.70 7.04 -14.49
C PHE B 257 17.39 6.37 -13.29
N ASP C 1 -0.51 16.43 17.00
CA ASP C 1 -0.61 15.02 16.63
C ASP C 1 0.78 14.34 16.39
N PHE C 2 1.61 14.78 15.45
CA PHE C 2 2.91 14.15 15.12
C PHE C 2 4.13 14.63 15.88
N GLU C 3 4.88 13.79 16.58
CA GLU C 3 6.06 14.21 17.29
C GLU C 3 6.97 14.96 16.32
N GLU C 4 7.65 15.99 16.77
CA GLU C 4 8.48 16.76 15.89
C GLU C 4 9.70 16.02 15.37
N ILE C 5 9.89 16.11 14.04
CA ILE C 5 11.01 15.49 13.41
C ILE C 5 12.14 16.48 13.33
N PRO C 6 13.33 15.99 13.27
CA PRO C 6 14.44 16.86 13.22
C PRO C 6 14.38 17.80 12.07
N GLU C 7 15.00 18.93 12.30
CA GLU C 7 15.04 19.96 11.34
C GLU C 7 15.86 19.70 10.10
N GLU C 8 16.81 18.80 10.10
CA GLU C 8 17.51 18.63 8.85
C GLU C 8 16.69 17.99 7.78
N LEU C 10 13.14 18.27 7.60
CA LEU C 10 12.18 19.20 7.12
C LEU C 10 13.03 20.23 6.49
N GLN C 11 13.50 19.96 5.30
CA GLN C 11 14.33 20.86 4.58
C GLN C 11 13.59 22.17 4.39
#